data_7AKI
#
_entry.id   7AKI
#
_cell.length_a   34.700
_cell.length_b   60.690
_cell.length_c   89.060
_cell.angle_alpha   90.000
_cell.angle_beta   90.000
_cell.angle_gamma   90.000
#
_symmetry.space_group_name_H-M   'C 2 2 21'
#
loop_
_entity.id
_entity.type
_entity.pdbx_description
1 polymer 'Protein enabled homolog'
2 non-polymer 'NITRATE ION'
3 non-polymer "(3~{S},7~{R},10~{R},13~{S})-4-[(3~{S},6~{R},8~{a}~{S})-1'-[(2~{S})-2-acetamido-3-(2-chlorophenyl)propanoyl]-5-oxidanylidene-spiro[1,2,3,8~{a}-tetrahydroindolizine-6,2'-pyrrolidine]-3-yl]carbonyl-2-oxidanylidene-1,4-diazatricyclo[8.3.0.0^{3,7}]tridec-8-ene-13-carboxamide"
4 water water
#
_entity_poly.entity_id   1
_entity_poly.type   'polypeptide(L)'
_entity_poly.pdbx_seq_one_letter_code
;GSMSEQSICQARAAVMVYDDANKKWVPAGGSTGFSRVHIYHHTGNNTFRVVGRKIQDHQVVINCAIPKGLKYNQATQTFH
QWRDARQVYGLNFGSKEDANVFASAMMHALEVL
;
_entity_poly.pdbx_strand_id   A
#
loop_
_chem_comp.id
_chem_comp.type
_chem_comp.name
_chem_comp.formula
NO3 non-polymer 'NITRATE ION' 'N O3 -1'
RJQ non-polymer (3~{S},7~{R},10~{R},13~{S})-4-[(3~{S},6~{R},8~{a}~{S})-1'-[(2~{S})-2-acetamido-3-(2-chlorophenyl)propanoyl]-5-oxidanylidene-spiro[1,2,3,8~{a}-tetrahydroindolizine-6,2'-pyrrolidine]-3-yl]carbonyl-2-oxidanylidene-1,4-diazatricyclo[8.3.0.0^{3,7}]tridec-8-ene-13-carboxamide 'C35 H41 Cl N6 O6'
#
# COMPACT_ATOMS: atom_id res chain seq x y z
N GLY A 1 -6.59 15.60 6.94
CA GLY A 1 -7.44 15.77 5.77
C GLY A 1 -8.92 15.92 6.05
N SER A 2 -9.73 15.96 5.00
CA SER A 2 -11.16 16.17 5.19
C SER A 2 -11.86 14.85 5.50
N MET A 3 -13.08 14.97 6.04
CA MET A 3 -13.86 13.79 6.44
C MET A 3 -14.39 13.01 5.24
N SER A 4 -14.41 13.59 4.04
CA SER A 4 -14.88 12.85 2.88
C SER A 4 -13.89 11.79 2.39
N GLU A 5 -12.66 11.77 2.91
CA GLU A 5 -11.70 10.71 2.64
C GLU A 5 -11.70 9.77 3.85
N GLN A 6 -11.93 8.50 3.59
CA GLN A 6 -12.19 7.55 4.66
C GLN A 6 -11.33 6.33 4.47
N SER A 7 -10.84 5.76 5.56
CA SER A 7 -10.10 4.53 5.47
C SER A 7 -11.07 3.38 5.28
N ILE A 8 -10.82 2.54 4.28
CA ILE A 8 -11.62 1.36 4.08
C ILE A 8 -10.88 0.10 4.38
N CYS A 9 -9.62 0.17 4.79
N CYS A 9 -9.60 0.18 4.75
CA CYS A 9 -8.90 -1.00 5.22
CA CYS A 9 -8.86 -0.99 5.19
C CYS A 9 -7.59 -0.55 5.85
C CYS A 9 -7.59 -0.54 5.86
N GLN A 10 -7.17 -1.29 6.87
CA GLN A 10 -5.88 -1.09 7.51
C GLN A 10 -5.23 -2.45 7.70
N ALA A 11 -3.93 -2.53 7.43
CA ALA A 11 -3.17 -3.75 7.60
C ALA A 11 -1.77 -3.38 8.10
N ARG A 12 -1.09 -4.35 8.66
CA ARG A 12 0.29 -4.23 9.10
C ARG A 12 1.21 -4.87 8.06
N ALA A 13 2.16 -4.08 7.55
CA ALA A 13 3.08 -4.55 6.52
C ALA A 13 4.33 -3.70 6.55
N ALA A 14 5.47 -4.30 6.22
CA ALA A 14 6.68 -3.53 5.99
C ALA A 14 6.70 -3.11 4.53
N VAL A 15 6.81 -1.81 4.28
CA VAL A 15 6.74 -1.25 2.92
C VAL A 15 8.13 -1.19 2.34
N MET A 16 8.29 -1.79 1.15
N MET A 16 8.28 -1.76 1.15
CA MET A 16 9.54 -1.79 0.41
CA MET A 16 9.54 -1.74 0.42
C MET A 16 9.34 -1.10 -0.93
C MET A 16 9.34 -1.12 -0.94
N VAL A 17 10.44 -0.66 -1.53
CA VAL A 17 10.43 -0.24 -2.93
C VAL A 17 11.60 -0.93 -3.63
N TYR A 18 11.50 -1.10 -4.92
CA TYR A 18 12.55 -1.79 -5.67
C TYR A 18 13.57 -0.80 -6.22
N ASP A 19 14.80 -0.98 -5.81
CA ASP A 19 15.89 -0.14 -6.28
C ASP A 19 16.27 -0.67 -7.65
N ASP A 20 15.76 0.02 -8.68
CA ASP A 20 15.93 -0.41 -10.06
C ASP A 20 17.41 -0.53 -10.40
N ALA A 21 18.23 0.38 -9.87
CA ALA A 21 19.62 0.45 -10.28
C ALA A 21 20.47 -0.63 -9.64
N ASN A 22 20.13 -1.06 -8.42
CA ASN A 22 20.89 -2.09 -7.73
C ASN A 22 20.21 -3.43 -7.71
N LYS A 23 19.03 -3.52 -8.32
CA LYS A 23 18.26 -4.76 -8.41
C LYS A 23 18.06 -5.39 -7.03
N LYS A 24 17.54 -4.60 -6.09
CA LYS A 24 17.33 -5.05 -4.71
C LYS A 24 16.14 -4.30 -4.15
N TRP A 25 15.37 -4.97 -3.27
CA TRP A 25 14.32 -4.30 -2.51
C TRP A 25 14.92 -3.55 -1.33
N VAL A 26 14.42 -2.34 -1.07
CA VAL A 26 14.91 -1.51 0.02
C VAL A 26 13.71 -0.97 0.80
N PRO A 27 13.90 -0.66 2.07
CA PRO A 27 12.77 -0.15 2.88
C PRO A 27 12.33 1.23 2.42
N ALA A 28 11.04 1.37 2.25
CA ALA A 28 10.48 2.69 1.99
C ALA A 28 10.78 3.60 3.16
N GLY A 29 11.25 4.79 2.87
CA GLY A 29 11.62 5.72 3.93
C GLY A 29 12.96 5.50 4.57
N GLY A 30 13.68 4.43 4.20
CA GLY A 30 15.06 4.25 4.59
C GLY A 30 15.33 3.25 5.72
N SER A 31 14.30 2.83 6.49
CA SER A 31 14.54 1.92 7.60
C SER A 31 13.50 0.81 7.59
N THR A 32 13.98 -0.41 7.75
CA THR A 32 13.13 -1.58 7.71
C THR A 32 12.28 -1.63 8.97
N GLY A 33 11.00 -1.90 8.81
CA GLY A 33 10.12 -2.04 9.94
C GLY A 33 8.70 -2.06 9.46
N PHE A 34 7.80 -2.40 10.38
CA PHE A 34 6.41 -2.48 10.00
C PHE A 34 5.72 -1.12 10.07
N SER A 35 4.77 -0.96 9.16
CA SER A 35 3.90 0.19 9.08
C SER A 35 2.44 -0.22 9.20
N ARG A 36 1.62 0.75 9.55
CA ARG A 36 0.18 0.62 9.44
C ARG A 36 -0.22 1.22 8.11
N VAL A 37 -0.76 0.40 7.22
CA VAL A 37 -1.02 0.76 5.83
C VAL A 37 -2.53 0.82 5.63
N HIS A 38 -3.03 1.97 5.17
CA HIS A 38 -4.44 2.15 4.92
C HIS A 38 -4.66 2.31 3.43
N ILE A 39 -5.82 1.86 2.98
CA ILE A 39 -6.39 2.27 1.70
C ILE A 39 -7.45 3.31 2.02
N TYR A 40 -7.29 4.52 1.50
CA TYR A 40 -8.22 5.60 1.76
C TYR A 40 -9.04 5.82 0.51
N HIS A 41 -10.35 5.91 0.68
CA HIS A 41 -11.26 6.21 -0.40
C HIS A 41 -11.64 7.68 -0.26
N HIS A 42 -11.30 8.48 -1.28
CA HIS A 42 -11.82 9.85 -1.30
C HIS A 42 -13.16 9.79 -2.02
N THR A 43 -14.23 9.87 -1.23
CA THR A 43 -15.56 9.73 -1.81
C THR A 43 -15.93 10.88 -2.74
N GLY A 44 -15.28 12.04 -2.60
CA GLY A 44 -15.66 13.18 -3.44
C GLY A 44 -15.46 12.91 -4.93
N ASN A 45 -14.31 12.36 -5.29
CA ASN A 45 -14.00 12.09 -6.69
C ASN A 45 -13.82 10.60 -6.94
N ASN A 46 -14.20 9.77 -5.99
CA ASN A 46 -14.10 8.32 -6.11
C ASN A 46 -12.71 7.90 -6.54
N THR A 47 -11.71 8.37 -5.80
CA THR A 47 -10.35 7.94 -5.99
C THR A 47 -9.86 7.24 -4.73
N PHE A 48 -8.75 6.54 -4.84
CA PHE A 48 -8.22 5.78 -3.74
C PHE A 48 -6.72 6.06 -3.65
N ARG A 49 -6.17 5.99 -2.43
CA ARG A 49 -4.72 6.01 -2.25
C ARG A 49 -4.32 5.06 -1.13
N VAL A 50 -3.05 4.65 -1.15
CA VAL A 50 -2.42 3.88 -0.08
C VAL A 50 -1.50 4.81 0.72
N VAL A 51 -1.69 4.88 2.02
CA VAL A 51 -0.79 5.63 2.90
C VAL A 51 -0.35 4.73 4.02
N GLY A 52 0.95 4.65 4.26
CA GLY A 52 1.49 3.83 5.31
C GLY A 52 2.41 4.64 6.18
N ARG A 53 2.31 4.41 7.49
CA ARG A 53 3.15 5.11 8.46
C ARG A 53 3.78 4.08 9.39
N LYS A 54 5.06 4.31 9.70
N LYS A 54 5.09 4.23 9.60
CA LYS A 54 5.82 3.38 10.52
CA LYS A 54 5.79 3.34 10.50
C LYS A 54 5.23 3.31 11.92
C LYS A 54 5.06 3.27 11.84
N ILE A 55 4.99 2.08 12.41
CA ILE A 55 4.31 1.94 13.69
C ILE A 55 5.13 2.54 14.81
N GLN A 56 6.44 2.38 14.74
CA GLN A 56 7.23 2.83 15.89
C GLN A 56 7.38 4.35 15.93
N ASP A 57 7.34 5.07 14.81
CA ASP A 57 7.52 6.52 14.88
C ASP A 57 6.65 7.34 13.94
N HIS A 58 5.71 6.72 13.25
CA HIS A 58 4.76 7.38 12.35
C HIS A 58 5.41 8.04 11.14
N GLN A 59 6.66 7.72 10.79
CA GLN A 59 7.19 8.25 9.54
C GLN A 59 6.26 7.83 8.41
N VAL A 60 5.85 8.78 7.57
CA VAL A 60 5.12 8.41 6.36
C VAL A 60 6.10 7.80 5.37
N VAL A 61 5.84 6.57 4.96
CA VAL A 61 6.75 5.84 4.10
C VAL A 61 6.16 5.54 2.73
N ILE A 62 4.85 5.66 2.55
CA ILE A 62 4.20 5.52 1.26
C ILE A 62 2.97 6.41 1.25
N ASN A 63 2.76 7.07 0.12
CA ASN A 63 1.57 7.89 -0.08
C ASN A 63 1.35 7.91 -1.59
N CYS A 64 0.62 6.93 -2.10
N CYS A 64 0.56 6.95 -2.07
CA CYS A 64 0.58 6.79 -3.54
CA CYS A 64 0.52 6.53 -3.47
C CYS A 64 -0.83 6.49 -4.04
C CYS A 64 -0.92 6.55 -3.96
N ALA A 65 -1.15 7.13 -5.14
CA ALA A 65 -2.46 7.01 -5.73
C ALA A 65 -2.65 5.61 -6.23
N ILE A 66 -3.90 5.17 -6.20
N ILE A 66 -3.90 5.18 -6.29
CA ILE A 66 -4.34 3.91 -6.80
CA ILE A 66 -4.25 3.87 -6.83
C ILE A 66 -5.18 4.31 -8.00
C ILE A 66 -5.18 4.11 -8.01
N PRO A 67 -4.63 4.37 -9.21
CA PRO A 67 -5.48 4.73 -10.34
C PRO A 67 -6.28 3.56 -10.85
N LYS A 68 -7.37 3.90 -11.52
CA LYS A 68 -8.14 2.98 -12.33
C LYS A 68 -7.21 2.10 -13.13
N GLY A 69 -7.44 0.80 -13.05
CA GLY A 69 -6.71 -0.16 -13.83
C GLY A 69 -5.40 -0.60 -13.25
N LEU A 70 -5.07 -0.16 -12.05
CA LEU A 70 -3.81 -0.58 -11.46
C LEU A 70 -3.74 -2.09 -11.37
N LYS A 71 -2.57 -2.64 -11.67
CA LYS A 71 -2.33 -4.08 -11.59
C LYS A 71 -1.70 -4.42 -10.25
N TYR A 72 -2.39 -5.22 -9.44
CA TYR A 72 -1.93 -5.57 -8.10
C TYR A 72 -1.56 -7.05 -8.09
N ASN A 73 -0.32 -7.36 -7.72
CA ASN A 73 0.18 -8.71 -7.90
C ASN A 73 0.43 -9.35 -6.54
N GLN A 74 -0.15 -10.50 -6.33
CA GLN A 74 0.12 -11.28 -5.13
C GLN A 74 1.24 -12.22 -5.50
N ALA A 75 2.45 -11.86 -5.09
CA ALA A 75 3.61 -12.65 -5.50
C ALA A 75 3.77 -13.86 -4.61
N THR A 76 3.51 -13.68 -3.32
CA THR A 76 3.48 -14.77 -2.36
C THR A 76 2.28 -14.56 -1.46
N GLN A 77 2.07 -15.48 -0.52
CA GLN A 77 0.95 -15.33 0.42
C GLN A 77 1.14 -14.17 1.38
N THR A 78 2.35 -13.63 1.53
CA THR A 78 2.53 -12.47 2.38
C THR A 78 3.27 -11.32 1.72
N PHE A 79 3.60 -11.38 0.44
CA PHE A 79 4.27 -10.28 -0.26
C PHE A 79 3.50 -9.92 -1.52
N HIS A 80 2.97 -8.71 -1.56
CA HIS A 80 2.20 -8.21 -2.67
C HIS A 80 2.88 -6.94 -3.20
N GLN A 81 2.64 -6.63 -4.48
CA GLN A 81 3.39 -5.56 -5.11
C GLN A 81 2.53 -4.90 -6.18
N TRP A 82 2.89 -3.65 -6.51
CA TRP A 82 2.29 -2.89 -7.62
C TRP A 82 3.26 -1.81 -8.04
N ARG A 83 2.95 -1.17 -9.16
CA ARG A 83 3.82 -0.18 -9.78
C ARG A 83 3.14 1.17 -9.84
N ASP A 84 3.94 2.23 -9.82
CA ASP A 84 3.58 3.41 -10.61
C ASP A 84 4.80 3.83 -11.43
N ALA A 85 4.74 4.97 -12.11
CA ALA A 85 5.84 5.32 -13.00
C ALA A 85 7.14 5.48 -12.24
N ARG A 86 7.05 5.87 -10.98
CA ARG A 86 8.22 6.24 -10.21
C ARG A 86 8.84 5.10 -9.41
N GLN A 87 8.05 4.14 -8.93
CA GLN A 87 8.57 3.08 -8.08
C GLN A 87 7.70 1.84 -8.23
N VAL A 88 8.32 0.68 -7.97
CA VAL A 88 7.58 -0.52 -7.64
C VAL A 88 7.53 -0.63 -6.12
N TYR A 89 6.33 -0.85 -5.59
CA TYR A 89 6.09 -0.96 -4.15
C TYR A 89 5.83 -2.42 -3.82
N GLY A 90 6.34 -2.81 -2.68
CA GLY A 90 6.07 -4.14 -2.15
C GLY A 90 5.67 -4.03 -0.70
N LEU A 91 4.70 -4.85 -0.31
CA LEU A 91 4.25 -4.95 1.08
C LEU A 91 4.55 -6.35 1.58
N ASN A 92 5.41 -6.42 2.58
CA ASN A 92 5.64 -7.66 3.33
C ASN A 92 4.70 -7.65 4.54
N PHE A 93 3.58 -8.37 4.42
CA PHE A 93 2.57 -8.32 5.45
C PHE A 93 2.98 -9.09 6.69
N GLY A 94 2.42 -8.66 7.82
CA GLY A 94 2.73 -9.23 9.11
C GLY A 94 2.09 -10.57 9.34
N SER A 95 1.11 -10.92 8.52
CA SER A 95 0.42 -12.19 8.61
C SER A 95 -0.33 -12.42 7.31
N LYS A 96 -0.77 -13.67 7.10
CA LYS A 96 -1.55 -13.97 5.91
C LYS A 96 -2.88 -13.24 5.94
N GLU A 97 -3.49 -13.10 7.12
CA GLU A 97 -4.76 -12.38 7.19
C GLU A 97 -4.58 -10.93 6.79
N ASP A 98 -3.54 -10.27 7.29
CA ASP A 98 -3.26 -8.90 6.88
C ASP A 98 -3.21 -8.81 5.36
N ALA A 99 -2.50 -9.74 4.74
CA ALA A 99 -2.30 -9.71 3.30
C ALA A 99 -3.62 -9.92 2.58
N ASN A 100 -4.36 -10.93 3.00
CA ASN A 100 -5.57 -11.30 2.28
C ASN A 100 -6.65 -10.23 2.43
N VAL A 101 -6.80 -9.63 3.61
CA VAL A 101 -7.80 -8.59 3.78
C VAL A 101 -7.44 -7.34 2.99
N PHE A 102 -6.14 -6.98 2.96
CA PHE A 102 -5.68 -5.84 2.19
C PHE A 102 -5.90 -6.07 0.70
N ALA A 103 -5.56 -7.27 0.21
CA ALA A 103 -5.76 -7.57 -1.20
C ALA A 103 -7.23 -7.53 -1.57
N SER A 104 -8.10 -8.07 -0.74
CA SER A 104 -9.54 -8.03 -1.03
C SER A 104 -10.03 -6.59 -1.13
N ALA A 105 -9.55 -5.73 -0.22
CA ALA A 105 -9.99 -4.34 -0.23
C ALA A 105 -9.46 -3.64 -1.48
N MET A 106 -8.24 -3.98 -1.88
CA MET A 106 -7.67 -3.43 -3.10
C MET A 106 -8.49 -3.87 -4.32
N MET A 107 -8.85 -5.15 -4.37
N MET A 107 -8.85 -5.15 -4.37
CA MET A 107 -9.66 -5.64 -5.49
CA MET A 107 -9.65 -5.64 -5.50
C MET A 107 -11.03 -4.98 -5.50
C MET A 107 -11.04 -5.01 -5.51
N HIS A 108 -11.65 -4.83 -4.33
CA HIS A 108 -12.94 -4.13 -4.28
C HIS A 108 -12.80 -2.70 -4.76
N ALA A 109 -11.71 -2.03 -4.39
CA ALA A 109 -11.45 -0.68 -4.88
C ALA A 109 -11.31 -0.66 -6.38
N LEU A 110 -10.58 -1.61 -6.94
CA LEU A 110 -10.36 -1.57 -8.37
C LEU A 110 -11.68 -1.75 -9.12
N GLU A 111 -12.65 -2.42 -8.49
CA GLU A 111 -13.97 -2.61 -9.12
C GLU A 111 -14.87 -1.40 -8.91
N VAL A 112 -14.64 -0.63 -7.85
CA VAL A 112 -15.42 0.58 -7.59
C VAL A 112 -14.99 1.71 -8.52
N LEU A 113 -13.69 1.78 -8.81
CA LEU A 113 -13.14 2.86 -9.62
C LEU A 113 -13.79 2.91 -11.00
N NO3 B . 5.50 -3.52 14.77
O1 NO3 B . 4.37 -3.04 14.59
O2 NO3 B . 5.75 -4.65 14.43
O3 NO3 B . 6.38 -2.82 15.30
N RJQ C . 6.50 -7.35 -13.13
CA RJQ C . 6.98 -7.04 -11.75
C RJQ C . 8.34 -7.67 -11.50
O RJQ C . 8.59 -8.81 -11.90
CB RJQ C . 6.03 -7.61 -10.65
CG RJQ C . 4.60 -7.19 -10.94
CD1 RJQ C . 4.05 -5.98 -10.55
CD2 RJQ C . 3.84 -8.10 -11.65
CE1 RJQ C . 2.72 -5.64 -10.84
CE2 RJQ C . 2.53 -7.76 -11.96
CZ RJQ C . 1.99 -6.55 -11.58
CAK RJQ C . 5.91 -6.42 -13.91
CAM RJQ C . 5.45 -6.94 -15.26
CAQ RJQ C . 9.06 -5.58 -10.13
CAR RJQ C . 10.08 -5.65 -9.02
CAS RJQ C . 11.22 -6.29 -9.72
CAT RJQ C . 10.51 -7.50 -10.36
CAU RJQ C . 10.20 -8.51 -9.47
CAX RJQ C . 11.26 -8.00 -11.45
CAY RJQ C . 12.11 -9.10 -11.32
CAZ RJQ C . 12.22 -9.72 -10.11
CBA RJQ C . 12.20 -11.25 -10.24
CBB RJQ C . 12.10 -11.52 -8.80
CBC RJQ C . 10.86 -10.71 -8.49
CBD RJQ C . 10.96 -10.36 -7.03
CBG RJQ C . 10.39 -11.03 -4.70
CBH RJQ C . 11.64 -10.76 -4.12
CBK RJQ C . 12.96 -10.06 -2.08
CBL RJQ C . 13.68 -11.30 -1.62
CBN RJQ C . 12.33 -9.29 -0.91
CBO RJQ C . 11.23 -10.22 -0.55
CBP RJQ C . 10.59 -10.30 -1.91
CBQ RJQ C . 9.67 -11.35 -1.89
CBR RJQ C . 9.35 -12.27 -2.89
CBS RJQ C . 9.86 -12.35 -4.20
CBT RJQ C . 8.76 -12.51 -5.17
CBU RJQ C . 9.60 -12.43 -6.44
NAP RJQ C . 9.20 -6.94 -10.76
NAW RJQ C . 11.02 -9.52 -9.33
NBF RJQ C . 10.41 -11.21 -6.18
NBJ RJQ C . 11.77 -10.45 -2.85
NBV RJQ C . 14.90 -11.04 -1.20
OAL RJQ C . 5.66 -5.24 -13.61
OAV RJQ C . 9.17 -8.51 -8.82
OBE RJQ C . 11.59 -9.36 -6.70
OBI RJQ C . 12.66 -10.89 -4.81
OBM RJQ C . 13.19 -12.42 -1.65
CL1 RJQ C . 4.97 -4.90 -9.65
H RJQ C . 6.63 -8.28 -13.47
HA RJQ C . 7.00 -5.95 -11.69
HB1 RJQ C . 6.10 -8.69 -10.64
HB2 RJQ C . 6.34 -7.21 -9.68
HD2 RJQ C . 4.26 -9.06 -11.97
HE1 RJQ C . 2.29 -4.71 -10.49
HE2 RJQ C . 1.93 -8.48 -12.51
HZ RJQ C . 0.97 -6.30 -11.88
HAM RJQ C . 5.17 -7.99 -15.17
HZL RJQ C . 6.27 -6.85 -15.98
HZM RJQ C . 4.60 -6.36 -15.60
HAQ RJQ C . 8.06 -5.41 -9.76
HZN RJQ C . 9.32 -4.79 -10.85
HAR RJQ C . 9.72 -6.26 -8.19
HZO RJQ C . 10.35 -4.66 -8.65
HAS RJQ C . 12.00 -6.61 -9.03
HZP RJQ C . 11.64 -5.63 -10.48
HAX RJQ C . 11.16 -7.52 -12.42
HAY RJQ C . 12.67 -9.46 -12.19
HAZ RJQ C . 13.13 -9.36 -9.62
HZQ RJQ C . 11.33 -11.60 -10.80
HBA RJQ C . 13.10 -11.64 -10.69
HZR RJQ C . 11.96 -12.58 -8.60
HBB RJQ C . 12.97 -11.16 -8.25
HBC RJQ C . 9.93 -11.22 -8.73
HBG RJQ C . 9.73 -10.20 -4.46
HBK RJQ C . 13.65 -9.44 -2.64
HBN RJQ C . 13.04 -9.16 -0.09
HZV RJQ C . 11.96 -8.31 -1.22
HBO RJQ C . 11.60 -11.19 -0.22
HZU RJQ C . 10.56 -9.81 0.20
HBP RJQ C . 10.05 -9.39 -2.22
HBQ RJQ C . 9.14 -11.50 -0.96
HBR RJQ C . 8.58 -13.00 -2.64
HBS RJQ C . 10.60 -13.15 -4.19
HZT RJQ C . 8.03 -11.70 -5.11
HBT RJQ C . 8.24 -13.46 -5.07
HZS RJQ C . 8.97 -12.32 -7.32
HBU RJQ C . 10.22 -13.32 -6.55
HZW RJQ C . 15.50 -11.78 -0.89
HBV RJQ C . 15.24 -10.09 -1.19
N RJQ D . -7.13 8.78 11.21
N RJQ D . -6.94 8.87 11.42
CA RJQ D . -8.25 9.68 10.89
CA RJQ D . -8.10 9.73 11.10
C RJQ D . -8.17 10.95 11.75
C RJQ D . -7.94 11.05 11.86
O RJQ D . -8.22 10.85 12.98
O RJQ D . -7.78 11.02 13.08
CB RJQ D . -9.51 8.87 11.21
CB RJQ D . -9.36 8.99 11.53
CG RJQ D . -10.76 9.52 10.60
CG RJQ D . -10.60 9.65 10.94
CD1 RJQ D . -11.09 9.31 9.26
CD1 RJQ D . -11.31 10.62 11.64
CD2 RJQ D . -11.56 10.30 11.42
CD2 RJQ D . -11.01 9.28 9.66
CE1 RJQ D . -12.25 9.91 8.75
CE1 RJQ D . -12.43 11.21 11.06
CE2 RJQ D . -12.71 10.90 10.90
CE2 RJQ D . -12.13 9.86 9.08
CZ RJQ D . -13.05 10.70 9.58
CZ RJQ D . -12.84 10.83 9.78
CAK RJQ D . -6.44 8.14 10.26
CAK RJQ D . -6.24 8.25 10.46
CAM RJQ D . -5.34 7.21 10.78
CAM RJQ D . -5.08 7.39 10.97
CAQ RJQ D . -7.99 13.39 11.95
CAQ RJQ D . -7.75 13.50 11.87
CAR RJQ D . -8.54 14.43 10.99
CAR RJQ D . -7.17 14.40 10.79
CAS RJQ D . -7.65 14.09 9.83
CAS RJQ D . -8.21 14.09 9.74
CAT RJQ D . -7.95 12.60 9.68
CAT RJQ D . -8.09 12.57 9.69
CAU RJQ D . -6.90 12.03 8.96
CAU RJQ D . -6.94 12.13 9.00
CAX RJQ D . -9.22 12.37 9.10
CAX RJQ D . -9.26 12.04 9.13
CAY RJQ D . -9.38 12.13 7.74
CAY RJQ D . -9.38 11.71 7.78
CAZ RJQ D . -8.28 12.16 6.90
CAZ RJQ D . -8.29 11.92 6.95
CBA RJQ D . -8.26 11.06 5.83
CBA RJQ D . -8.08 10.85 5.88
CBB RJQ D . -6.87 11.35 5.33
CBB RJQ D . -6.75 11.35 5.41
CBC RJQ D . -6.08 11.23 6.63
CBC RJQ D . -6.00 11.29 6.74
CBD RJQ D . -4.81 12.06 6.50
CBD RJQ D . -4.74 12.16 6.64
CBG RJQ D . -2.36 12.25 6.28
CBG RJQ D . -2.27 12.30 6.41
CBH RJQ D . -2.31 13.21 5.23
CBH RJQ D . -2.26 13.27 5.40
CBK RJQ D . -1.21 15.21 4.14
CBK RJQ D . -1.18 15.26 4.23
CBL RJQ D . -0.57 14.67 2.85
CBL RJQ D . -0.60 14.77 2.90
CBN RJQ D . -0.29 16.19 4.89
CBN RJQ D . -0.22 16.21 4.97
CBO RJQ D . 0.75 15.21 5.38
CBO RJQ D . 0.83 15.20 5.39
CBP RJQ D . -0.21 14.25 6.11
CBP RJQ D . -0.09 14.24 6.13
CBQ RJQ D . 0.44 13.04 6.41
CBQ RJQ D . 0.55 13.01 6.35
CBR RJQ D . -0.02 11.71 6.39
CBR RJQ D . 0.05 11.70 6.34
CBS RJQ D . -1.28 11.21 6.04
CBS RJQ D . -1.25 11.24 6.07
CBT RJQ D . -1.78 10.14 6.99
CBT RJQ D . -1.72 10.18 7.03
CBU RJQ D . -3.19 10.01 6.41
CBU RJQ D . -3.15 10.09 6.53
NAP RJQ D . -8.02 12.14 11.13
NAP RJQ D . -7.93 12.20 11.15
NAW RJQ D . -7.03 11.84 7.64
NAW RJQ D . -7.02 11.82 7.70
NBF RJQ D . -3.63 11.43 6.37
NBF RJQ D . -3.56 11.53 6.52
NBJ RJQ D . -1.36 14.12 5.14
NBJ RJQ D . -1.29 14.16 5.24
NBV RJQ D . -0.02 13.47 2.93
NBV RJQ D . -0.01 13.57 2.91
OAL RJQ D . -6.65 8.27 9.05
OAL RJQ D . -6.48 8.33 9.25
OAV RJQ D . -5.84 11.72 9.51
OAV RJQ D . -5.87 12.00 9.58
OBE RJQ D . -4.91 13.29 6.50
OBE RJQ D . -4.85 13.38 6.63
OBI RJQ D . -3.17 13.22 4.34
OBI RJQ D . -3.19 13.30 4.59
OBM RJQ D . -0.60 15.33 1.81
OBM RJQ D . -0.71 15.45 1.88
CL1 RJQ D . -10.11 8.31 8.18
CL1 RJQ D . -10.81 11.11 13.24
H RJQ D . -6.92 8.62 12.17
H RJQ D . -6.70 8.75 12.37
HA RJQ D . -8.23 10.00 9.85
HA RJQ D . -8.15 9.94 10.03
HB1 RJQ D . -9.40 7.87 10.82
HB1 RJQ D . -9.31 7.95 11.19
HB2 RJQ D . -9.63 8.83 12.29
HB2 RJQ D . -9.43 9.00 12.62
HD2 RJQ D . -11.29 10.45 12.47
HD2 RJQ D . -10.46 8.52 9.11
HE1 RJQ D . -12.52 9.76 7.71
HE1 RJQ D . -12.99 11.97 11.60
HE2 RJQ D . -13.33 11.52 11.55
HE2 RJQ D . -12.45 9.57 8.08
HZ RJQ D . -13.95 11.17 9.17
HZ RJQ D . -13.72 11.30 9.33
HAM RJQ D . -4.95 7.61 11.71
HAM RJQ D . -4.68 7.83 11.89
HZL RJQ D . -4.54 7.15 10.03
HZL RJQ D . -4.30 7.36 10.21
HZM RJQ D . -5.75 6.22 10.94
HZM RJQ D . -5.44 6.38 11.18
HAQ RJQ D . -6.97 13.64 12.25
HAQ RJQ D . -7.05 13.39 12.70
HZN RJQ D . -8.62 13.30 12.84
HZN RJQ D . -8.70 13.89 12.24
HAR RJQ D . -8.39 15.45 11.34
HAR RJQ D . -6.16 14.10 10.49
HZO RJQ D . -9.60 14.26 10.76
HZO RJQ D . -7.16 15.45 11.07
HAS RJQ D . -6.60 14.25 10.07
HAS RJQ D . -7.96 14.54 8.79
HZP RJQ D . -7.92 14.64 8.93
HZP RJQ D . -9.20 14.40 10.06
HAX RJQ D . -10.09 12.38 9.74
HAX RJQ D . -10.12 11.88 9.77
HAY RJQ D . -10.38 11.93 7.33
HAY RJQ D . -10.29 11.30 7.39
HAZ RJQ D . -8.26 13.15 6.44
HAZ RJQ D . -8.44 12.90 6.47
HZQ RJQ D . -8.37 10.07 6.25
HZQ RJQ D . -8.04 9.85 6.30
HBA RJQ D . -9.02 11.21 5.07
HBA RJQ D . -8.85 10.88 5.10
HZR RJQ D . -6.55 10.61 4.60
HZR RJQ D . -6.31 10.68 4.66
HBB RJQ D . -6.79 12.34 4.91
HBB RJQ D . -6.80 12.36 5.02
HBC RJQ D . -5.84 10.20 6.92
HBC RJQ D . -5.70 10.28 7.05
HBG RJQ D . -2.25 12.79 7.22
HBG RJQ D . -2.09 12.79 7.36
HBK RJQ D . -2.16 15.68 3.87
HBK RJQ D . -2.14 15.73 4.02
HBN RJQ D . 0.14 16.94 4.23
HBN RJQ D . 0.18 16.97 4.32
HZV RJQ D . -0.80 16.69 5.71
HZV RJQ D . -0.69 16.68 5.84
HBO RJQ D . 1.28 14.72 4.57
HBO RJQ D . 1.32 14.74 4.53
HZU RJQ D . 1.47 15.67 6.07
HZU RJQ D . 1.58 15.64 6.05
HBP RJQ D . -0.59 14.66 7.04
HBP RJQ D . -0.41 14.62 7.09
HBQ RJQ D . 1.48 13.16 6.72
HBQ RJQ D . 1.62 13.09 6.59
HBR RJQ D . 0.71 10.97 6.71
HBR RJQ D . 0.78 10.92 6.57
HBS RJQ D . -1.20 10.85 5.01
HBS RJQ D . -1.24 10.90 5.04
HZT RJQ D . -1.79 10.47 8.02
HZT RJQ D . -1.66 10.50 8.06
HBT RJQ D . -1.21 9.21 6.91
HBT RJQ D . -1.18 9.23 6.90
HZS RJQ D . -3.83 9.40 7.06
HZS RJQ D . -3.77 9.50 7.21
HBU RJQ D . -3.17 9.57 5.41
HBU RJQ D . -3.20 9.66 5.54
HZW RJQ D . 0.39 13.05 2.12
HZW RJQ D . 0.37 13.20 2.07
HBV RJQ D . -0.02 12.97 3.80
HBV RJQ D . 0.05 13.06 3.77
#